data_6EDR
#
_entry.id   6EDR
#
_cell.length_a   57.742
_cell.length_b   51.106
_cell.length_c   100.674
_cell.angle_alpha   90.000
_cell.angle_beta   96.890
_cell.angle_gamma   90.000
#
_symmetry.space_group_name_H-M   'P 1 21 1'
#
loop_
_entity.id
_entity.type
_entity.pdbx_description
1 polymer 'ADP-ribosyl cyclase/cyclic ADP-ribose hydrolase 1'
2 non-polymer '[[(2~{R},3~{S},4~{R},5~{R})-5-(3-aminocarbonylpyridin-1-ium-1-yl)-3,4-bis(oxidanyl)thiolan-2-yl]methoxy-oxidanyl-phosphoryl] [(2~{R},3~{S},4~{R},5~{R})-5-(6-aminopurin-9-yl)-3,4-bis(oxidanyl)oxolan-2-yl]methyl hydrogen phosphate'
3 water water
#
_entity_poly.entity_id   1
_entity_poly.type   'polypeptide(L)'
_entity_poly.pdbx_seq_one_letter_code
;SRWRQQWSGPGTTKRFPETVLARCVKYTEIHPEMRHVDCQSVWDAFKGAFISKHPCDITEEDYQPLMKLGTQTVPCNKIL
LWSRIKDLAHQFTQVQRDMFTLEDTLLGYLADDLTWCGEFATSKINYQSCPDWRKDCSNNPVSVFWKTVSRRFAEAACDV
VHVMLDGSRSKIFDKDSTFGSVEVHNLQPEKVQTLEAWVIHGGREDSRDLCQDPTIKELESIISKRNIQFSCKNIYRPDK
FLQCVKNPEDSSCTSEI
;
_entity_poly.pdbx_strand_id   A,B
#
# COMPACT_ATOMS: atom_id res chain seq x y z
N SER A 1 -41.46 10.02 12.01
CA SER A 1 -42.40 10.82 11.16
C SER A 1 -43.83 10.26 11.19
N ARG A 2 -44.75 11.14 10.84
CA ARG A 2 -46.19 10.86 10.60
C ARG A 2 -46.50 9.75 9.55
N TRP A 3 -45.57 9.51 8.64
CA TRP A 3 -45.75 8.57 7.54
C TRP A 3 -44.80 7.34 7.60
N ARG A 4 -43.99 7.26 8.64
CA ARG A 4 -42.96 6.25 8.77
C ARG A 4 -43.53 4.85 9.05
N GLN A 5 -43.32 3.91 8.12
CA GLN A 5 -43.76 2.52 8.32
C GLN A 5 -42.86 1.71 9.28
N GLN A 6 -43.42 0.61 9.79
CA GLN A 6 -42.69 -0.33 10.65
C GLN A 6 -41.89 -1.21 9.68
N TRP A 7 -40.64 -1.51 10.02
CA TRP A 7 -39.86 -2.52 9.30
C TRP A 7 -39.72 -3.73 10.23
N SER A 8 -39.18 -4.82 9.69
CA SER A 8 -39.04 -6.07 10.42
C SER A 8 -37.66 -6.25 11.03
N GLY A 9 -36.68 -5.44 10.60
CA GLY A 9 -35.33 -5.58 11.12
C GLY A 9 -35.11 -4.76 12.36
N PRO A 10 -34.04 -5.08 13.11
CA PRO A 10 -33.64 -4.20 14.21
C PRO A 10 -33.39 -2.78 13.75
N GLY A 11 -33.68 -1.83 14.64
CA GLY A 11 -33.41 -0.42 14.40
C GLY A 11 -31.93 -0.09 14.42
N THR A 12 -31.59 1.10 13.92
CA THR A 12 -30.22 1.61 13.88
C THR A 12 -29.53 1.37 15.22
N THR A 13 -28.27 0.93 15.20
CA THR A 13 -27.57 0.58 16.42
C THR A 13 -27.48 1.81 17.36
N LYS A 14 -27.68 1.58 18.66
CA LYS A 14 -27.57 2.64 19.68
C LYS A 14 -26.23 3.34 19.53
N ARG A 15 -26.27 4.67 19.53
CA ARG A 15 -25.07 5.54 19.51
C ARG A 15 -24.28 5.45 18.19
N PHE A 16 -25.00 5.42 17.08
CA PHE A 16 -24.41 5.08 15.79
C PHE A 16 -23.43 6.16 15.35
N PRO A 17 -23.88 7.42 15.18
CA PRO A 17 -22.92 8.47 14.82
C PRO A 17 -21.67 8.48 15.69
N GLU A 18 -21.89 8.42 17.00
CA GLU A 18 -20.80 8.49 17.97
C GLU A 18 -19.89 7.26 17.89
N THR A 19 -20.43 6.10 17.55
CA THR A 19 -19.62 4.90 17.37
C THR A 19 -18.77 4.97 16.11
N VAL A 20 -19.35 5.49 15.02
CA VAL A 20 -18.63 5.66 13.76
C VAL A 20 -17.47 6.65 13.93
N LEU A 21 -17.73 7.83 14.50
CA LEU A 21 -16.67 8.82 14.71
C LEU A 21 -15.54 8.23 15.54
N ALA A 22 -15.86 7.64 16.68
CA ALA A 22 -14.85 7.04 17.56
C ALA A 22 -14.03 5.98 16.87
N ARG A 23 -14.66 5.21 15.98
CA ARG A 23 -13.96 4.18 15.21
C ARG A 23 -13.06 4.77 14.14
N CYS A 24 -13.51 5.83 13.48
CA CYS A 24 -12.69 6.55 12.51
C CYS A 24 -11.43 7.13 13.18
N VAL A 25 -11.58 7.74 14.34
CA VAL A 25 -10.44 8.24 15.08
C VAL A 25 -9.52 7.09 15.50
N LYS A 26 -10.10 6.05 16.05
CA LYS A 26 -9.32 4.92 16.54
C LYS A 26 -8.50 4.28 15.42
N TYR A 27 -9.12 4.07 14.26
CA TYR A 27 -8.47 3.42 13.12
C TYR A 27 -7.25 4.22 12.68
N THR A 28 -7.45 5.54 12.51
CA THR A 28 -6.38 6.43 12.06
C THR A 28 -5.29 6.60 13.12
N GLU A 29 -5.62 6.44 14.40
CA GLU A 29 -4.62 6.44 15.46
C GLU A 29 -3.71 5.24 15.29
N ILE A 30 -4.29 4.07 15.11
CA ILE A 30 -3.49 2.86 14.98
C ILE A 30 -2.83 2.69 13.59
N HIS A 31 -3.41 3.33 12.56
CA HIS A 31 -2.88 3.25 11.17
C HIS A 31 -2.42 4.62 10.67
N PRO A 32 -1.16 5.00 10.97
CA PRO A 32 -0.62 6.33 10.62
C PRO A 32 -0.74 6.74 9.16
N GLU A 33 -0.66 5.78 8.26
CA GLU A 33 -0.84 5.99 6.82
C GLU A 33 -2.18 6.62 6.40
N MET A 34 -3.20 6.52 7.25
CA MET A 34 -4.51 7.10 6.94
C MET A 34 -4.82 8.44 7.67
N ARG A 35 -3.82 9.10 8.26
CA ARG A 35 -4.08 10.33 9.04
C ARG A 35 -4.49 11.59 8.25
N HIS A 36 -4.34 11.56 6.91
CA HIS A 36 -4.94 12.59 6.03
C HIS A 36 -6.49 12.68 6.08
N VAL A 37 -7.13 11.62 6.57
CA VAL A 37 -8.59 11.51 6.61
C VAL A 37 -9.20 12.45 7.63
N ASP A 38 -10.12 13.31 7.18
CA ASP A 38 -10.94 14.12 8.09
C ASP A 38 -12.20 13.33 8.50
N CYS A 39 -12.21 12.84 9.74
CA CYS A 39 -13.31 12.02 10.26
C CYS A 39 -14.69 12.70 10.23
N GLN A 40 -14.74 14.02 10.40
CA GLN A 40 -16.02 14.74 10.30
C GLN A 40 -16.59 14.65 8.88
N SER A 41 -15.72 14.79 7.88
CA SER A 41 -16.12 14.59 6.47
C SER A 41 -16.57 13.15 6.18
N VAL A 42 -15.87 12.18 6.79
CA VAL A 42 -16.20 10.77 6.64
C VAL A 42 -17.63 10.54 7.16
N TRP A 43 -17.89 11.00 8.39
CA TRP A 43 -19.22 10.86 8.97
C TRP A 43 -20.27 11.57 8.10
N ASP A 44 -20.00 12.80 7.73
CA ASP A 44 -20.96 13.61 6.97
C ASP A 44 -21.35 12.96 5.63
N ALA A 45 -20.39 12.34 4.95
CA ALA A 45 -20.67 11.60 3.69
C ALA A 45 -21.46 10.26 3.88
N PHE A 46 -21.08 9.49 4.89
CA PHE A 46 -21.82 8.29 5.34
C PHE A 46 -23.30 8.63 5.59
N LYS A 47 -23.50 9.68 6.36
CA LYS A 47 -24.81 10.19 6.72
C LYS A 47 -25.58 10.59 5.46
N GLY A 48 -24.93 11.38 4.61
CA GLY A 48 -25.51 11.77 3.33
C GLY A 48 -25.99 10.62 2.44
N ALA A 49 -25.36 9.45 2.56
CA ALA A 49 -25.80 8.29 1.77
C ALA A 49 -27.25 7.84 2.02
N PHE A 50 -27.74 7.96 3.26
CA PHE A 50 -29.06 7.37 3.62
C PHE A 50 -30.11 8.26 4.28
N ILE A 51 -29.70 9.30 5.04
CA ILE A 51 -30.71 10.17 5.67
C ILE A 51 -31.48 10.96 4.64
N SER A 52 -32.76 11.22 4.97
CA SER A 52 -33.70 11.91 4.08
CA SER A 52 -33.70 11.92 4.08
C SER A 52 -34.05 11.12 2.82
N LYS A 53 -33.82 9.79 2.88
CA LYS A 53 -33.98 8.89 1.74
C LYS A 53 -34.76 7.66 2.15
N HIS A 54 -35.68 7.25 1.27
CA HIS A 54 -36.48 6.08 1.53
C HIS A 54 -35.51 4.91 1.53
N PRO A 55 -35.45 4.13 2.64
CA PRO A 55 -34.43 3.09 2.76
C PRO A 55 -34.79 1.77 2.06
N CYS A 56 -35.56 1.82 0.97
CA CYS A 56 -35.70 0.69 0.03
C CYS A 56 -35.24 1.06 -1.39
N ASP A 57 -34.63 2.25 -1.55
CA ASP A 57 -34.20 2.77 -2.84
C ASP A 57 -32.79 3.35 -2.81
N ILE A 58 -31.97 2.84 -1.88
CA ILE A 58 -30.60 3.27 -1.72
C ILE A 58 -29.79 2.65 -2.85
N THR A 59 -28.94 3.45 -3.48
CA THR A 59 -28.14 3.00 -4.62
C THR A 59 -26.65 3.04 -4.29
N GLU A 60 -25.86 2.44 -5.17
CA GLU A 60 -24.40 2.51 -5.07
C GLU A 60 -23.93 3.97 -5.17
N GLU A 61 -24.53 4.74 -6.10
CA GLU A 61 -24.22 6.16 -6.28
C GLU A 61 -24.41 7.00 -5.00
N ASP A 62 -25.37 6.64 -4.14
CA ASP A 62 -25.54 7.30 -2.85
C ASP A 62 -24.28 7.23 -1.97
N TYR A 63 -23.57 6.10 -2.02
CA TYR A 63 -22.37 5.85 -1.20
C TYR A 63 -21.04 6.30 -1.83
N GLN A 64 -21.09 6.84 -3.05
CA GLN A 64 -19.88 7.23 -3.80
C GLN A 64 -19.04 8.26 -3.06
N PRO A 65 -19.68 9.33 -2.52
CA PRO A 65 -18.91 10.24 -1.68
C PRO A 65 -18.15 9.57 -0.54
N LEU A 66 -18.78 8.64 0.18
CA LEU A 66 -18.08 7.89 1.24
C LEU A 66 -16.88 7.08 0.70
N MET A 67 -17.09 6.46 -0.46
CA MET A 67 -16.05 5.63 -1.10
C MET A 67 -14.81 6.46 -1.45
N LYS A 68 -15.03 7.65 -2.02
CA LYS A 68 -13.94 8.59 -2.38
C LYS A 68 -13.09 8.94 -1.15
N LEU A 69 -13.75 9.33 -0.05
CA LEU A 69 -13.02 9.70 1.18
C LEU A 69 -12.41 8.50 1.87
N GLY A 70 -13.03 7.34 1.75
CA GLY A 70 -12.45 6.12 2.31
C GLY A 70 -11.41 5.43 1.44
N THR A 71 -11.04 6.01 0.29
CA THR A 71 -10.03 5.44 -0.61
C THR A 71 -8.80 5.00 0.15
N GLN A 72 -8.43 3.72 0.00
CA GLN A 72 -7.30 3.13 0.72
C GLN A 72 -6.65 2.04 -0.14
N THR A 73 -5.33 2.10 -0.25
CA THR A 73 -4.56 1.11 -1.00
C THR A 73 -4.04 0.09 -0.02
N VAL A 74 -4.54 -1.14 -0.13
CA VAL A 74 -3.95 -2.25 0.60
C VAL A 74 -3.12 -3.03 -0.41
N PRO A 75 -2.02 -3.67 0.04
CA PRO A 75 -1.26 -4.51 -0.89
C PRO A 75 -2.13 -5.61 -1.52
N CYS A 76 -2.36 -5.49 -2.84
CA CYS A 76 -3.40 -6.27 -3.53
C CYS A 76 -3.19 -7.77 -3.52
N ASN A 77 -1.98 -8.21 -3.19
CA ASN A 77 -1.62 -9.62 -3.13
C ASN A 77 -1.65 -10.20 -1.72
N LYS A 78 -2.14 -9.43 -0.75
CA LYS A 78 -2.15 -9.83 0.65
C LYS A 78 -3.61 -9.77 1.17
N ILE A 79 -4.55 -10.28 0.39
CA ILE A 79 -5.97 -10.13 0.66
C ILE A 79 -6.56 -11.45 1.16
N LEU A 80 -7.35 -11.38 2.23
CA LEU A 80 -8.09 -12.55 2.78
C LEU A 80 -9.58 -12.29 2.70
N LEU A 81 -10.26 -13.11 1.91
CA LEU A 81 -11.72 -13.14 1.91
C LEU A 81 -12.13 -14.22 2.89
N TRP A 82 -13.40 -14.19 3.26
CA TRP A 82 -13.95 -15.21 4.18
C TRP A 82 -15.45 -15.33 4.04
N SER A 83 -15.96 -16.43 4.59
CA SER A 83 -17.36 -16.76 4.55
C SER A 83 -17.71 -17.56 5.81
N ARG A 84 -18.53 -16.95 6.67
CA ARG A 84 -19.01 -17.54 7.94
C ARG A 84 -17.96 -18.11 8.90
N ILE A 85 -16.77 -17.54 8.92
CA ILE A 85 -15.71 -17.94 9.85
C ILE A 85 -14.93 -16.66 10.22
N LYS A 86 -15.69 -15.72 10.78
CA LYS A 86 -15.22 -14.39 11.08
C LYS A 86 -14.11 -14.38 12.12
N ASP A 87 -14.30 -15.14 13.20
CA ASP A 87 -13.40 -15.09 14.35
C ASP A 87 -11.98 -15.51 13.96
N LEU A 88 -11.84 -16.64 13.27
CA LEU A 88 -10.51 -17.14 12.90
C LEU A 88 -9.85 -16.30 11.79
N ALA A 89 -10.66 -15.79 10.86
CA ALA A 89 -10.18 -14.92 9.79
C ALA A 89 -9.50 -13.66 10.35
N HIS A 90 -10.09 -13.08 11.37
CA HIS A 90 -9.56 -11.85 11.98
C HIS A 90 -8.48 -12.10 13.01
N GLN A 91 -8.54 -13.22 13.71
CA GLN A 91 -7.41 -13.68 14.55
C GLN A 91 -6.17 -13.91 13.70
N PHE A 92 -6.37 -14.41 12.48
CA PHE A 92 -5.26 -14.59 11.55
C PHE A 92 -4.58 -13.25 11.18
N THR A 93 -5.35 -12.26 10.75
CA THR A 93 -4.78 -10.97 10.35
C THR A 93 -4.26 -10.11 11.53
N GLN A 94 -4.69 -10.42 12.75
CA GLN A 94 -4.11 -9.81 13.96
C GLN A 94 -2.69 -10.28 14.22
N VAL A 95 -2.35 -11.48 13.73
CA VAL A 95 -1.04 -12.09 13.96
C VAL A 95 -0.14 -11.94 12.72
N GLN A 96 -0.57 -12.48 11.59
CA GLN A 96 0.06 -12.26 10.28
C GLN A 96 -0.36 -10.87 9.78
N ARG A 97 0.26 -9.84 10.36
CA ARG A 97 -0.22 -8.44 10.24
C ARG A 97 -0.08 -7.80 8.86
N ASP A 98 0.65 -8.42 7.94
CA ASP A 98 0.70 -7.94 6.55
C ASP A 98 -0.47 -8.40 5.68
N MET A 99 -1.36 -9.27 6.20
CA MET A 99 -2.57 -9.71 5.46
C MET A 99 -3.80 -8.95 5.95
N PHE A 100 -4.76 -8.72 5.04
CA PHE A 100 -5.92 -7.84 5.28
C PHE A 100 -7.29 -8.44 4.90
N THR A 101 -8.25 -8.44 5.84
CA THR A 101 -9.66 -8.60 5.51
C THR A 101 -10.28 -7.24 5.23
N LEU A 102 -11.50 -7.25 4.70
CA LEU A 102 -12.25 -6.01 4.46
C LEU A 102 -12.44 -5.20 5.74
N GLU A 103 -12.59 -5.91 6.87
CA GLU A 103 -12.81 -5.27 8.18
C GLU A 103 -11.51 -4.68 8.76
N ASP A 104 -10.37 -5.02 8.16
CA ASP A 104 -9.10 -4.37 8.46
C ASP A 104 -8.88 -3.11 7.64
N THR A 105 -9.74 -2.82 6.67
CA THR A 105 -9.72 -1.53 5.95
C THR A 105 -10.51 -0.51 6.73
N LEU A 106 -10.34 0.78 6.43
CA LEU A 106 -11.07 1.81 7.15
C LEU A 106 -12.56 1.58 7.04
N LEU A 107 -13.07 1.60 5.82
CA LEU A 107 -14.52 1.60 5.63
C LEU A 107 -15.17 0.36 6.26
N GLY A 108 -14.53 -0.79 6.14
CA GLY A 108 -15.01 -2.01 6.79
C GLY A 108 -14.98 -2.00 8.30
N TYR A 109 -13.92 -1.44 8.88
CA TYR A 109 -13.79 -1.30 10.34
C TYR A 109 -14.91 -0.45 10.95
N LEU A 110 -15.26 0.63 10.26
CA LEU A 110 -16.32 1.54 10.68
C LEU A 110 -17.69 0.90 10.79
N ALA A 111 -18.09 0.16 9.76
CA ALA A 111 -19.44 -0.38 9.62
C ALA A 111 -19.64 -1.78 10.25
N ASP A 112 -18.55 -2.47 10.57
CA ASP A 112 -18.60 -3.82 11.12
C ASP A 112 -19.61 -4.01 12.26
N ASP A 113 -20.58 -4.90 12.05
CA ASP A 113 -21.60 -5.28 13.06
C ASP A 113 -22.53 -4.15 13.50
N LEU A 114 -22.80 -3.20 12.60
CA LEU A 114 -23.72 -2.10 12.87
C LEU A 114 -24.90 -2.13 11.91
N THR A 115 -26.00 -1.51 12.32
CA THR A 115 -27.22 -1.39 11.53
C THR A 115 -27.59 0.07 11.45
N TRP A 116 -28.16 0.52 10.34
CA TRP A 116 -28.58 1.92 10.22
C TRP A 116 -29.59 2.14 9.12
N CYS A 117 -30.47 3.12 9.30
CA CYS A 117 -31.31 3.60 8.23
C CYS A 117 -31.92 4.94 8.61
N GLY A 118 -32.54 5.60 7.64
CA GLY A 118 -33.27 6.84 7.84
C GLY A 118 -34.61 6.77 7.14
N GLU A 119 -35.12 7.91 6.70
CA GLU A 119 -36.47 8.02 6.18
C GLU A 119 -36.60 9.17 5.22
N PHE A 120 -37.44 9.02 4.20
CA PHE A 120 -37.62 10.08 3.19
C PHE A 120 -38.02 11.44 3.78
N ALA A 121 -37.31 12.48 3.36
CA ALA A 121 -37.62 13.87 3.70
C ALA A 121 -37.50 14.27 5.19
N THR A 122 -36.88 13.43 6.01
CA THR A 122 -36.57 13.76 7.41
C THR A 122 -35.05 13.77 7.54
N SER A 123 -34.56 14.49 8.53
CA SER A 123 -33.15 14.43 8.89
C SER A 123 -32.88 13.44 10.03
N LYS A 124 -33.84 12.58 10.36
CA LYS A 124 -33.79 11.75 11.55
C LYS A 124 -33.31 10.33 11.24
N ILE A 125 -32.40 9.83 12.08
CA ILE A 125 -32.05 8.42 12.10
C ILE A 125 -33.19 7.65 12.75
N ASN A 126 -33.54 6.53 12.11
CA ASN A 126 -34.59 5.62 12.59
C ASN A 126 -34.00 4.56 13.54
N TYR A 127 -34.14 4.82 14.84
CA TYR A 127 -33.72 3.88 15.87
C TYR A 127 -34.75 2.79 16.21
N GLN A 128 -35.96 2.83 15.62
CA GLN A 128 -37.05 1.92 15.97
C GLN A 128 -36.98 0.60 15.18
N SER A 129 -36.83 0.71 13.87
CA SER A 129 -36.71 -0.46 12.99
C SER A 129 -36.03 -0.12 11.66
N CYS A 130 -35.41 -1.13 11.05
CA CYS A 130 -34.84 -1.00 9.70
C CYS A 130 -35.25 -2.17 8.80
N PRO A 131 -35.24 -1.99 7.47
CA PRO A 131 -35.63 -3.07 6.55
C PRO A 131 -34.81 -4.34 6.72
N ASP A 132 -35.51 -5.47 6.86
CA ASP A 132 -34.91 -6.79 6.72
C ASP A 132 -34.80 -7.11 5.22
N TRP A 133 -33.66 -7.66 4.81
CA TRP A 133 -33.42 -7.96 3.40
C TRP A 133 -34.46 -8.87 2.75
N ARG A 134 -34.94 -9.84 3.53
CA ARG A 134 -35.87 -10.87 3.10
C ARG A 134 -37.32 -10.40 3.20
N LYS A 135 -37.73 -10.00 4.40
N LYS A 135 -37.73 -10.00 4.40
CA LYS A 135 -39.12 -9.65 4.68
CA LYS A 135 -39.12 -9.65 4.68
C LYS A 135 -39.55 -8.26 4.14
C LYS A 135 -39.54 -8.27 4.15
N ASP A 136 -38.60 -7.38 3.84
CA ASP A 136 -38.93 -6.01 3.41
C ASP A 136 -38.40 -5.64 2.02
N CYS A 137 -37.09 -5.44 1.89
CA CYS A 137 -36.49 -5.01 0.62
C CYS A 137 -34.98 -5.19 0.65
N SER A 138 -34.41 -5.43 -0.52
CA SER A 138 -32.98 -5.71 -0.65
C SER A 138 -32.09 -4.46 -0.75
N ASN A 139 -32.63 -3.36 -1.30
CA ASN A 139 -31.87 -2.12 -1.45
C ASN A 139 -31.94 -1.20 -0.20
N ASN A 140 -31.53 -1.78 0.92
CA ASN A 140 -31.52 -1.11 2.20
C ASN A 140 -30.10 -0.61 2.47
N PRO A 141 -29.96 0.43 3.32
CA PRO A 141 -28.64 1.06 3.51
C PRO A 141 -27.51 0.12 3.91
N VAL A 142 -27.77 -0.83 4.79
CA VAL A 142 -26.75 -1.81 5.20
C VAL A 142 -26.34 -2.73 4.05
N SER A 143 -27.30 -3.44 3.46
CA SER A 143 -27.01 -4.37 2.33
C SER A 143 -26.28 -3.69 1.17
N VAL A 144 -26.77 -2.51 0.75
CA VAL A 144 -26.17 -1.76 -0.37
C VAL A 144 -24.78 -1.27 -0.05
N PHE A 145 -24.51 -0.94 1.21
CA PHE A 145 -23.18 -0.54 1.63
C PHE A 145 -22.25 -1.72 1.42
N TRP A 146 -22.59 -2.87 2.00
CA TRP A 146 -21.69 -4.03 1.94
C TRP A 146 -21.46 -4.59 0.54
N LYS A 147 -22.45 -4.56 -0.34
CA LYS A 147 -22.25 -5.08 -1.69
C LYS A 147 -21.35 -4.13 -2.49
N THR A 148 -21.46 -2.83 -2.21
CA THR A 148 -20.66 -1.83 -2.86
C THR A 148 -19.20 -1.95 -2.44
N VAL A 149 -18.93 -1.97 -1.13
CA VAL A 149 -17.55 -2.03 -0.65
C VAL A 149 -16.92 -3.40 -0.89
N SER A 150 -17.71 -4.46 -0.82
CA SER A 150 -17.19 -5.80 -1.09
C SER A 150 -16.78 -5.99 -2.55
N ARG A 151 -17.55 -5.42 -3.48
CA ARG A 151 -17.20 -5.43 -4.90
C ARG A 151 -15.84 -4.79 -5.14
N ARG A 152 -15.68 -3.58 -4.60
CA ARG A 152 -14.47 -2.77 -4.79
C ARG A 152 -13.23 -3.38 -4.14
N PHE A 153 -13.38 -4.05 -2.99
CA PHE A 153 -12.30 -4.76 -2.36
C PHE A 153 -11.86 -5.95 -3.23
N ALA A 154 -12.84 -6.70 -3.76
CA ALA A 154 -12.54 -7.80 -4.69
C ALA A 154 -11.89 -7.30 -5.98
N GLU A 155 -12.45 -6.24 -6.57
CA GLU A 155 -11.88 -5.63 -7.79
C GLU A 155 -10.41 -5.22 -7.67
N ALA A 156 -9.97 -4.87 -6.46
CA ALA A 156 -8.61 -4.41 -6.21
C ALA A 156 -7.61 -5.54 -5.99
N ALA A 157 -8.08 -6.72 -5.63
CA ALA A 157 -7.20 -7.85 -5.35
C ALA A 157 -6.41 -8.30 -6.59
N CYS A 158 -5.26 -8.94 -6.37
CA CYS A 158 -4.39 -9.39 -7.44
C CYS A 158 -3.58 -10.63 -7.03
N ASP A 159 -2.92 -11.24 -8.02
CA ASP A 159 -2.09 -12.45 -7.84
C ASP A 159 -2.86 -13.65 -7.23
N VAL A 160 -2.63 -13.98 -5.96
CA VAL A 160 -3.29 -15.07 -5.25
C VAL A 160 -4.20 -14.46 -4.15
N VAL A 161 -5.49 -14.75 -4.26
CA VAL A 161 -6.48 -14.37 -3.26
C VAL A 161 -6.77 -15.61 -2.43
N HIS A 162 -6.75 -15.47 -1.11
CA HIS A 162 -7.13 -16.57 -0.23
C HIS A 162 -8.55 -16.37 0.26
N VAL A 163 -9.32 -17.46 0.37
CA VAL A 163 -10.62 -17.39 1.03
C VAL A 163 -10.68 -18.43 2.13
N MET A 164 -11.15 -17.99 3.28
CA MET A 164 -11.30 -18.87 4.43
C MET A 164 -12.76 -19.30 4.46
N LEU A 165 -13.01 -20.60 4.55
CA LEU A 165 -14.38 -21.15 4.54
C LEU A 165 -14.62 -22.06 5.72
N ASP A 166 -15.87 -22.09 6.17
CA ASP A 166 -16.25 -22.83 7.36
C ASP A 166 -16.67 -24.27 7.01
N GLY A 167 -15.78 -25.22 7.36
CA GLY A 167 -16.02 -26.63 7.11
C GLY A 167 -17.06 -27.34 7.98
N SER A 168 -17.48 -26.74 9.09
CA SER A 168 -18.53 -27.31 9.93
C SER A 168 -19.96 -27.07 9.42
N ARG A 169 -20.16 -26.19 8.44
CA ARG A 169 -21.49 -25.85 7.94
C ARG A 169 -22.04 -26.84 6.92
N SER A 170 -23.35 -26.79 6.74
CA SER A 170 -24.04 -27.66 5.78
C SER A 170 -23.62 -27.33 4.36
N LYS A 171 -23.55 -26.03 4.04
CA LYS A 171 -23.07 -25.56 2.73
C LYS A 171 -21.75 -24.81 2.93
N ILE A 172 -20.63 -25.50 2.72
CA ILE A 172 -19.29 -24.93 3.00
C ILE A 172 -19.03 -23.72 2.11
N PHE A 173 -19.33 -23.87 0.84
CA PHE A 173 -19.48 -22.74 -0.04
C PHE A 173 -20.98 -22.55 -0.26
N ASP A 174 -21.42 -21.30 -0.16
CA ASP A 174 -22.84 -20.97 -0.25
C ASP A 174 -23.02 -19.86 -1.24
N LYS A 175 -23.78 -20.14 -2.31
CA LYS A 175 -24.05 -19.16 -3.36
C LYS A 175 -24.64 -17.87 -2.77
N ASP A 176 -25.55 -18.00 -1.81
CA ASP A 176 -26.22 -16.86 -1.20
C ASP A 176 -25.40 -16.35 -0.05
N SER A 177 -24.32 -15.67 -0.43
CA SER A 177 -23.40 -15.04 0.50
C SER A 177 -22.70 -13.94 -0.25
N THR A 178 -22.17 -12.99 0.50
CA THR A 178 -21.35 -11.95 -0.07
C THR A 178 -20.18 -12.52 -0.87
N PHE A 179 -19.49 -13.51 -0.31
CA PHE A 179 -18.45 -14.20 -1.06
C PHE A 179 -19.01 -14.81 -2.35
N GLY A 180 -20.02 -15.64 -2.16
CA GLY A 180 -20.61 -16.43 -3.24
C GLY A 180 -21.36 -15.67 -4.31
N SER A 181 -21.93 -14.51 -3.98
CA SER A 181 -22.71 -13.70 -4.94
C SER A 181 -22.16 -12.30 -5.27
N VAL A 182 -21.10 -11.85 -4.59
CA VAL A 182 -20.43 -10.61 -5.01
C VAL A 182 -18.94 -10.79 -5.35
N GLU A 183 -18.19 -11.35 -4.40
CA GLU A 183 -16.73 -11.33 -4.48
C GLU A 183 -16.16 -12.30 -5.52
N VAL A 184 -16.59 -13.56 -5.55
CA VAL A 184 -16.12 -14.47 -6.62
C VAL A 184 -16.33 -13.94 -8.04
N HIS A 185 -17.39 -13.18 -8.25
CA HIS A 185 -17.70 -12.69 -9.61
C HIS A 185 -17.08 -11.35 -9.98
N ASN A 186 -16.40 -10.71 -9.04
CA ASN A 186 -15.77 -9.44 -9.32
C ASN A 186 -14.25 -9.41 -9.11
N LEU A 187 -13.65 -10.53 -8.68
CA LEU A 187 -12.20 -10.71 -8.83
C LEU A 187 -11.88 -10.57 -10.31
N GLN A 188 -10.84 -9.82 -10.65
CA GLN A 188 -10.51 -9.55 -12.07
C GLN A 188 -9.54 -10.61 -12.65
N PRO A 189 -9.92 -11.31 -13.74
CA PRO A 189 -9.01 -12.33 -14.30
C PRO A 189 -7.68 -11.74 -14.82
N GLU A 190 -7.68 -10.49 -15.25
CA GLU A 190 -6.43 -9.82 -15.65
C GLU A 190 -5.46 -9.78 -14.45
N LYS A 191 -5.98 -9.45 -13.26
CA LYS A 191 -5.15 -9.20 -12.08
C LYS A 191 -4.89 -10.46 -11.25
N VAL A 192 -5.91 -11.31 -11.14
CA VAL A 192 -5.88 -12.47 -10.27
C VAL A 192 -5.60 -13.70 -11.10
N GLN A 193 -4.67 -14.53 -10.61
CA GLN A 193 -4.29 -15.79 -11.23
C GLN A 193 -5.00 -16.95 -10.52
N THR A 194 -4.99 -16.94 -9.18
CA THR A 194 -5.44 -18.10 -8.37
C THR A 194 -6.30 -17.64 -7.19
N LEU A 195 -7.38 -18.39 -6.91
CA LEU A 195 -8.17 -18.24 -5.69
C LEU A 195 -7.92 -19.51 -4.88
N GLU A 196 -7.30 -19.35 -3.71
CA GLU A 196 -6.96 -20.50 -2.87
C GLU A 196 -7.94 -20.56 -1.71
N ALA A 197 -8.65 -21.67 -1.58
CA ALA A 197 -9.60 -21.85 -0.47
C ALA A 197 -8.93 -22.54 0.71
N TRP A 198 -9.18 -22.03 1.91
CA TRP A 198 -8.77 -22.65 3.17
C TRP A 198 -10.02 -23.10 3.94
N VAL A 199 -10.28 -24.40 3.94
CA VAL A 199 -11.45 -24.96 4.61
C VAL A 199 -11.06 -25.35 6.03
N ILE A 200 -11.70 -24.68 6.99
CA ILE A 200 -11.40 -24.79 8.40
C ILE A 200 -12.30 -25.86 8.98
N HIS A 201 -11.68 -26.82 9.66
CA HIS A 201 -12.40 -27.96 10.19
C HIS A 201 -12.93 -27.66 11.59
N GLY A 202 -14.09 -28.23 11.89
CA GLY A 202 -14.63 -28.24 13.24
C GLY A 202 -15.97 -28.94 13.29
N GLY A 203 -16.60 -28.87 14.46
CA GLY A 203 -17.90 -29.49 14.66
C GLY A 203 -17.92 -31.01 14.76
N ARG A 204 -19.10 -31.57 14.46
CA ARG A 204 -19.41 -32.96 14.75
C ARG A 204 -18.67 -33.94 13.83
N GLU A 205 -18.78 -33.71 12.53
CA GLU A 205 -18.40 -34.69 11.50
C GLU A 205 -16.99 -35.31 11.68
N ASP A 206 -16.84 -36.60 11.34
CA ASP A 206 -15.53 -37.31 11.37
C ASP A 206 -14.61 -36.76 10.29
N SER A 207 -13.31 -36.84 10.54
CA SER A 207 -12.30 -36.21 9.67
C SER A 207 -12.17 -36.81 8.26
N ARG A 208 -12.54 -36.02 7.24
CA ARG A 208 -12.43 -36.41 5.83
C ARG A 208 -11.86 -35.26 4.98
N ASP A 209 -11.45 -35.54 3.74
CA ASP A 209 -11.11 -34.50 2.77
C ASP A 209 -12.36 -33.71 2.32
N LEU A 210 -12.38 -32.44 2.68
CA LEU A 210 -13.51 -31.54 2.42
C LEU A 210 -13.37 -30.76 1.14
N CYS A 211 -12.19 -30.74 0.54
CA CYS A 211 -12.03 -30.20 -0.82
C CYS A 211 -12.73 -31.05 -1.91
N GLN A 212 -13.12 -32.28 -1.56
CA GLN A 212 -14.02 -33.11 -2.38
C GLN A 212 -15.53 -32.84 -2.15
N ASP A 213 -15.88 -31.89 -1.28
CA ASP A 213 -17.29 -31.62 -0.98
C ASP A 213 -18.00 -31.06 -2.24
N PRO A 214 -19.28 -31.41 -2.45
CA PRO A 214 -20.04 -30.90 -3.62
C PRO A 214 -20.10 -29.39 -3.78
N THR A 215 -20.16 -28.64 -2.68
CA THR A 215 -20.17 -27.18 -2.77
C THR A 215 -18.80 -26.64 -3.21
N ILE A 216 -17.72 -27.27 -2.76
CA ILE A 216 -16.37 -26.91 -3.21
C ILE A 216 -16.21 -27.19 -4.69
N LYS A 217 -16.75 -28.30 -5.17
CA LYS A 217 -16.72 -28.63 -6.62
C LYS A 217 -17.48 -27.58 -7.46
N GLU A 218 -18.62 -27.14 -6.95
CA GLU A 218 -19.42 -26.06 -7.53
C GLU A 218 -18.61 -24.76 -7.62
N LEU A 219 -17.90 -24.44 -6.55
CA LEU A 219 -17.05 -23.26 -6.45
C LEU A 219 -15.95 -23.31 -7.51
N GLU A 220 -15.22 -24.43 -7.53
CA GLU A 220 -14.19 -24.71 -8.54
C GLU A 220 -14.70 -24.45 -9.97
N SER A 221 -15.92 -24.88 -10.24
CA SER A 221 -16.55 -24.71 -11.55
C SER A 221 -16.88 -23.26 -11.86
N ILE A 222 -17.44 -22.56 -10.87
CA ILE A 222 -17.80 -21.17 -11.02
C ILE A 222 -16.57 -20.31 -11.38
N ILE A 223 -15.46 -20.52 -10.70
CA ILE A 223 -14.26 -19.70 -10.91
C ILE A 223 -13.42 -20.10 -12.14
N SER A 224 -13.40 -21.40 -12.48
CA SER A 224 -12.79 -21.88 -13.72
C SER A 224 -13.44 -21.23 -14.93
N LYS A 225 -14.77 -21.12 -14.93
CA LYS A 225 -15.50 -20.44 -16.01
C LYS A 225 -15.08 -18.97 -16.16
N ARG A 226 -14.66 -18.34 -15.07
CA ARG A 226 -14.18 -16.95 -15.12
C ARG A 226 -12.68 -16.84 -15.53
N ASN A 227 -12.05 -17.98 -15.81
CA ASN A 227 -10.68 -18.05 -16.30
C ASN A 227 -9.71 -17.68 -15.19
N ILE A 228 -9.92 -18.29 -14.03
CA ILE A 228 -9.05 -18.13 -12.87
C ILE A 228 -8.89 -19.51 -12.23
N GLN A 229 -7.65 -19.84 -11.88
CA GLN A 229 -7.35 -21.15 -11.31
C GLN A 229 -7.86 -21.28 -9.89
N PHE A 230 -8.10 -22.52 -9.46
CA PHE A 230 -8.62 -22.81 -8.14
C PHE A 230 -7.69 -23.76 -7.43
N SER A 231 -7.44 -23.47 -6.16
CA SER A 231 -6.68 -24.36 -5.29
C SER A 231 -7.47 -24.48 -3.98
N CYS A 232 -7.28 -25.58 -3.26
CA CYS A 232 -8.00 -25.83 -1.99
C CYS A 232 -7.14 -26.61 -0.99
N LYS A 233 -7.13 -26.14 0.26
CA LYS A 233 -6.41 -26.81 1.34
C LYS A 233 -7.35 -27.10 2.52
N ASN A 234 -7.17 -28.27 3.12
CA ASN A 234 -7.80 -28.58 4.42
C ASN A 234 -6.95 -27.98 5.53
N ILE A 235 -7.59 -27.26 6.46
CA ILE A 235 -6.93 -26.87 7.71
C ILE A 235 -7.60 -27.68 8.81
N TYR A 236 -6.97 -28.81 9.13
CA TYR A 236 -7.54 -29.83 10.00
C TYR A 236 -7.54 -29.39 11.44
N ARG A 237 -6.45 -28.75 11.89
CA ARG A 237 -6.30 -28.32 13.27
C ARG A 237 -6.12 -26.80 13.31
N PRO A 238 -7.23 -26.03 13.43
CA PRO A 238 -7.16 -24.57 13.57
C PRO A 238 -6.39 -24.08 14.79
N ASP A 239 -6.57 -24.77 15.92
CA ASP A 239 -5.80 -24.56 17.15
C ASP A 239 -4.30 -24.37 16.89
N LYS A 240 -3.71 -25.33 16.17
CA LYS A 240 -2.27 -25.42 15.96
C LYS A 240 -1.81 -24.69 14.68
N PHE A 241 -2.77 -24.30 13.85
CA PHE A 241 -2.52 -23.45 12.67
C PHE A 241 -2.16 -22.01 13.07
N LEU A 242 -2.85 -21.46 14.06
CA LEU A 242 -2.49 -20.17 14.64
C LEU A 242 -1.16 -20.24 15.42
N GLN A 243 -0.94 -21.31 16.17
CA GLN A 243 0.31 -21.47 16.96
C GLN A 243 1.57 -21.37 16.07
N CYS A 244 1.54 -22.02 14.91
CA CYS A 244 2.68 -22.02 13.97
C CYS A 244 2.71 -20.82 13.01
N VAL A 245 1.59 -20.12 12.88
CA VAL A 245 1.58 -18.80 12.22
C VAL A 245 2.23 -17.74 13.12
N LYS A 246 1.79 -17.72 14.38
CA LYS A 246 2.24 -16.73 15.39
C LYS A 246 3.63 -17.02 15.98
N ASN A 247 4.09 -18.28 15.90
CA ASN A 247 5.44 -18.64 16.35
C ASN A 247 6.21 -19.62 15.46
N PRO A 248 6.55 -19.23 14.20
CA PRO A 248 7.33 -20.14 13.34
C PRO A 248 8.83 -20.34 13.72
N GLU A 249 9.30 -19.81 14.88
CA GLU A 249 10.71 -19.86 15.28
C GLU A 249 10.94 -20.82 16.46
N SER B 1 27.53 11.40 -33.51
CA SER B 1 27.21 12.38 -34.61
C SER B 1 28.38 13.36 -34.86
N ARG B 2 28.35 13.99 -36.03
CA ARG B 2 29.34 15.03 -36.38
C ARG B 2 29.26 16.34 -35.54
N TRP B 3 28.20 16.52 -34.73
CA TRP B 3 28.09 17.68 -33.85
C TRP B 3 28.20 17.36 -32.34
N ARG B 4 28.35 16.09 -32.02
CA ARG B 4 28.39 15.63 -30.64
C ARG B 4 29.68 16.00 -29.91
N GLN B 5 29.58 16.82 -28.86
CA GLN B 5 30.76 17.18 -28.05
C GLN B 5 31.22 16.07 -27.08
N GLN B 6 32.47 16.17 -26.63
CA GLN B 6 33.03 15.26 -25.62
C GLN B 6 32.55 15.76 -24.27
N TRP B 7 32.15 14.85 -23.38
CA TRP B 7 31.84 15.22 -21.98
C TRP B 7 32.95 14.65 -21.09
N SER B 8 32.92 14.99 -19.81
CA SER B 8 33.95 14.58 -18.85
C SER B 8 33.54 13.36 -18.04
N GLY B 9 32.27 13.00 -18.08
CA GLY B 9 31.80 11.87 -17.29
C GLY B 9 31.91 10.55 -18.04
N PRO B 10 31.85 9.43 -17.32
CA PRO B 10 31.73 8.15 -17.99
C PRO B 10 30.53 8.08 -18.91
N GLY B 11 30.67 7.32 -20.00
CA GLY B 11 29.60 7.09 -20.95
C GLY B 11 28.52 6.18 -20.39
N THR B 12 27.38 6.16 -21.08
CA THR B 12 26.23 5.33 -20.73
C THR B 12 26.70 3.92 -20.41
N THR B 13 26.14 3.34 -19.35
CA THR B 13 26.61 2.02 -18.88
C THR B 13 26.43 0.97 -19.98
N LYS B 14 27.42 0.08 -20.13
CA LYS B 14 27.33 -1.04 -21.08
C LYS B 14 26.02 -1.80 -20.86
N ARG B 15 25.31 -2.06 -21.96
CA ARG B 15 24.07 -2.84 -21.98
C ARG B 15 22.90 -2.19 -21.25
N PHE B 16 22.74 -0.89 -21.46
CA PHE B 16 21.84 -0.09 -20.64
C PHE B 16 20.37 -0.50 -20.89
N PRO B 17 19.88 -0.39 -22.14
CA PRO B 17 18.48 -0.81 -22.36
C PRO B 17 18.20 -2.23 -21.85
N GLU B 18 19.11 -3.15 -22.15
CA GLU B 18 18.96 -4.54 -21.75
C GLU B 18 19.01 -4.72 -20.23
N THR B 19 19.79 -3.90 -19.52
CA THR B 19 19.83 -3.97 -18.06
C THR B 19 18.54 -3.44 -17.44
N VAL B 20 18.01 -2.34 -18.00
CA VAL B 20 16.76 -1.76 -17.54
C VAL B 20 15.60 -2.73 -17.73
N LEU B 21 15.44 -3.28 -18.93
CA LEU B 21 14.35 -4.22 -19.20
C LEU B 21 14.42 -5.41 -18.25
N ALA B 22 15.59 -6.04 -18.15
CA ALA B 22 15.77 -7.20 -17.26
C ALA B 22 15.41 -6.88 -15.82
N ARG B 23 15.76 -5.67 -15.38
CA ARG B 23 15.44 -5.23 -14.02
C ARG B 23 13.94 -4.99 -13.82
N CYS B 24 13.30 -4.37 -14.81
CA CYS B 24 11.86 -4.17 -14.79
C CYS B 24 11.10 -5.51 -14.69
N VAL B 25 11.50 -6.48 -15.49
CA VAL B 25 10.87 -7.80 -15.44
C VAL B 25 11.14 -8.45 -14.10
N LYS B 26 12.40 -8.43 -13.67
CA LYS B 26 12.77 -9.07 -12.42
C LYS B 26 11.97 -8.49 -11.25
N TYR B 27 11.88 -7.16 -11.17
CA TYR B 27 11.20 -6.48 -10.05
C TYR B 27 9.74 -6.91 -9.98
N THR B 28 9.05 -6.85 -11.12
CA THR B 28 7.63 -7.21 -11.18
C THR B 28 7.40 -8.71 -10.95
N GLU B 29 8.38 -9.55 -11.25
CA GLU B 29 8.30 -10.98 -10.93
C GLU B 29 8.28 -11.14 -9.42
N ILE B 30 9.23 -10.50 -8.75
CA ILE B 30 9.33 -10.65 -7.29
C ILE B 30 8.26 -9.84 -6.54
N HIS B 31 7.72 -8.77 -7.15
CA HIS B 31 6.68 -7.91 -6.53
C HIS B 31 5.36 -7.98 -7.29
N PRO B 32 4.51 -8.97 -6.97
CA PRO B 32 3.24 -9.21 -7.68
C PRO B 32 2.28 -8.02 -7.74
N GLU B 33 2.31 -7.17 -6.73
CA GLU B 33 1.55 -5.92 -6.69
C GLU B 33 1.81 -4.93 -7.85
N MET B 34 2.95 -5.07 -8.52
CA MET B 34 3.27 -4.21 -9.67
C MET B 34 3.08 -4.84 -11.06
N ARG B 35 2.36 -5.96 -11.15
CA ARG B 35 2.23 -6.65 -12.44
C ARG B 35 1.33 -5.98 -13.50
N HIS B 36 0.60 -4.93 -13.14
CA HIS B 36 -0.06 -4.02 -14.12
C HIS B 36 0.92 -3.27 -15.06
N VAL B 37 2.18 -3.19 -14.65
CA VAL B 37 3.21 -2.46 -15.40
C VAL B 37 3.59 -3.19 -16.68
N ASP B 38 3.46 -2.50 -17.81
CA ASP B 38 4.00 -2.99 -19.09
C ASP B 38 5.46 -2.51 -19.23
N CYS B 39 6.41 -3.42 -19.08
CA CYS B 39 7.84 -3.05 -19.13
C CYS B 39 8.30 -2.40 -20.43
N GLN B 40 7.69 -2.77 -21.56
CA GLN B 40 8.02 -2.11 -22.83
C GLN B 40 7.66 -0.61 -22.79
N SER B 41 6.49 -0.30 -22.22
CA SER B 41 6.08 1.09 -22.01
C SER B 41 6.99 1.84 -21.04
N VAL B 42 7.43 1.13 -19.99
CA VAL B 42 8.34 1.72 -19.00
C VAL B 42 9.64 2.12 -19.70
N TRP B 43 10.24 1.19 -20.46
CA TRP B 43 11.46 1.47 -21.19
C TRP B 43 11.25 2.61 -22.18
N ASP B 44 10.18 2.52 -22.97
CA ASP B 44 9.91 3.52 -24.02
C ASP B 44 9.76 4.94 -23.45
N ALA B 45 9.14 5.08 -22.27
CA ALA B 45 9.03 6.39 -21.60
C ALA B 45 10.35 6.93 -20.99
N PHE B 46 11.11 6.05 -20.34
CA PHE B 46 12.47 6.33 -19.85
C PHE B 46 13.34 6.87 -21.00
N LYS B 47 13.32 6.16 -22.11
CA LYS B 47 14.05 6.47 -23.33
C LYS B 47 13.60 7.84 -23.83
N GLY B 48 12.30 8.03 -23.96
CA GLY B 48 11.73 9.32 -24.37
C GLY B 48 12.16 10.52 -23.54
N ALA B 49 12.48 10.31 -22.26
CA ALA B 49 12.97 11.40 -21.41
C ALA B 49 14.26 12.08 -21.91
N PHE B 50 15.19 11.32 -22.50
CA PHE B 50 16.53 11.85 -22.82
C PHE B 50 17.06 11.70 -24.24
N ILE B 51 16.67 10.67 -24.99
CA ILE B 51 17.15 10.53 -26.37
C ILE B 51 16.59 11.62 -27.25
N SER B 52 17.41 12.00 -28.24
CA SER B 52 17.10 13.09 -29.18
C SER B 52 17.05 14.47 -28.49
N LYS B 53 17.68 14.58 -27.32
CA LYS B 53 17.63 15.78 -26.48
C LYS B 53 19.02 16.12 -25.99
N HIS B 54 19.32 17.42 -26.00
CA HIS B 54 20.60 17.88 -25.54
C HIS B 54 20.67 17.57 -24.06
N PRO B 55 21.69 16.81 -23.62
CA PRO B 55 21.73 16.36 -22.22
C PRO B 55 22.30 17.39 -21.23
N CYS B 56 22.12 18.68 -21.49
CA CYS B 56 22.32 19.73 -20.49
C CYS B 56 21.03 20.55 -20.26
N ASP B 57 19.92 20.10 -20.84
CA ASP B 57 18.63 20.81 -20.78
C ASP B 57 17.46 19.88 -20.44
N ILE B 58 17.77 18.79 -19.74
CA ILE B 58 16.78 17.80 -19.35
C ILE B 58 15.99 18.39 -18.18
N THR B 59 14.67 18.28 -18.23
CA THR B 59 13.79 18.84 -17.19
C THR B 59 13.04 17.75 -16.45
N GLU B 60 12.41 18.12 -15.35
CA GLU B 60 11.54 17.21 -14.61
C GLU B 60 10.38 16.74 -15.51
N GLU B 61 9.79 17.69 -16.26
CA GLU B 61 8.70 17.38 -17.21
C GLU B 61 9.06 16.30 -18.25
N ASP B 62 10.32 16.23 -18.66
CA ASP B 62 10.77 15.15 -19.57
C ASP B 62 10.53 13.76 -18.98
N TYR B 63 10.72 13.61 -17.66
CA TYR B 63 10.57 12.33 -16.95
C TYR B 63 9.14 12.01 -16.46
N GLN B 64 8.20 12.92 -16.68
CA GLN B 64 6.83 12.80 -16.14
C GLN B 64 6.12 11.54 -16.66
N PRO B 65 6.18 11.27 -17.97
CA PRO B 65 5.66 9.98 -18.43
C PRO B 65 6.21 8.76 -17.67
N LEU B 66 7.52 8.70 -17.43
CA LEU B 66 8.10 7.60 -16.64
C LEU B 66 7.54 7.53 -15.21
N MET B 67 7.37 8.71 -14.61
CA MET B 67 6.89 8.83 -13.24
C MET B 67 5.47 8.28 -13.11
N LYS B 68 4.60 8.63 -14.06
CA LYS B 68 3.22 8.14 -14.12
C LYS B 68 3.17 6.62 -14.15
N LEU B 69 3.94 6.00 -15.06
CA LEU B 69 3.97 4.53 -15.19
C LEU B 69 4.66 3.87 -14.01
N GLY B 70 5.63 4.52 -13.42
CA GLY B 70 6.30 4.00 -12.23
C GLY B 70 5.59 4.26 -10.92
N THR B 71 4.40 4.88 -10.96
CA THR B 71 3.59 5.16 -9.74
C THR B 71 3.50 3.90 -8.86
N GLN B 72 3.90 4.05 -7.61
CA GLN B 72 3.94 2.95 -6.65
C GLN B 72 3.63 3.48 -5.24
N THR B 73 2.72 2.81 -4.55
CA THR B 73 2.35 3.17 -3.20
C THR B 73 3.13 2.30 -2.24
N VAL B 74 4.04 2.92 -1.50
CA VAL B 74 4.68 2.23 -0.38
C VAL B 74 4.00 2.75 0.89
N PRO B 75 3.92 1.92 1.94
CA PRO B 75 3.38 2.44 3.21
C PRO B 75 4.19 3.65 3.71
N CYS B 76 3.55 4.82 3.72
CA CYS B 76 4.24 6.11 3.87
C CYS B 76 4.96 6.31 5.21
N ASN B 77 4.64 5.45 6.19
CA ASN B 77 5.25 5.51 7.51
C ASN B 77 6.38 4.50 7.70
N LYS B 78 6.77 3.81 6.63
CA LYS B 78 7.78 2.76 6.69
C LYS B 78 8.92 3.09 5.73
N ILE B 79 9.31 4.38 5.68
CA ILE B 79 10.30 4.86 4.72
C ILE B 79 11.66 5.06 5.41
N LEU B 80 12.73 4.59 4.74
CA LEU B 80 14.11 4.76 5.22
C LEU B 80 14.89 5.58 4.19
N LEU B 81 15.32 6.76 4.61
CA LEU B 81 16.26 7.56 3.84
C LEU B 81 17.63 7.20 4.33
N TRP B 82 18.65 7.57 3.55
CA TRP B 82 20.04 7.32 3.92
C TRP B 82 20.99 8.27 3.22
N SER B 83 22.22 8.30 3.74
CA SER B 83 23.26 9.17 3.25
C SER B 83 24.60 8.50 3.51
N ARG B 84 25.30 8.16 2.42
CA ARG B 84 26.66 7.56 2.47
C ARG B 84 26.81 6.28 3.31
N ILE B 85 25.76 5.47 3.39
CA ILE B 85 25.81 4.20 4.11
C ILE B 85 24.86 3.23 3.39
N LYS B 86 25.13 3.03 2.11
CA LYS B 86 24.27 2.27 1.23
C LYS B 86 24.15 0.80 1.61
N ASP B 87 25.27 0.17 1.91
CA ASP B 87 25.30 -1.29 2.14
C ASP B 87 24.44 -1.67 3.35
N LEU B 88 24.61 -0.98 4.47
CA LEU B 88 23.85 -1.30 5.69
C LEU B 88 22.37 -0.90 5.58
N ALA B 89 22.08 0.19 4.89
CA ALA B 89 20.70 0.63 4.65
C ALA B 89 19.89 -0.42 3.91
N HIS B 90 20.50 -1.05 2.92
CA HIS B 90 19.81 -2.07 2.12
C HIS B 90 19.84 -3.46 2.75
N GLN B 91 20.89 -3.78 3.50
CA GLN B 91 20.90 -4.97 4.35
C GLN B 91 19.79 -4.89 5.40
N PHE B 92 19.51 -3.70 5.90
CA PHE B 92 18.40 -3.48 6.83
C PHE B 92 17.04 -3.82 6.20
N THR B 93 16.74 -3.26 5.03
CA THR B 93 15.43 -3.51 4.39
C THR B 93 15.29 -4.94 3.80
N GLN B 94 16.41 -5.64 3.61
CA GLN B 94 16.38 -7.06 3.25
C GLN B 94 15.91 -7.95 4.40
N VAL B 95 16.09 -7.48 5.64
CA VAL B 95 15.73 -8.22 6.85
C VAL B 95 14.40 -7.74 7.43
N GLN B 96 14.33 -6.46 7.79
CA GLN B 96 13.07 -5.80 8.19
C GLN B 96 12.29 -5.47 6.90
N ARG B 97 11.64 -6.50 6.34
CA ARG B 97 11.11 -6.44 4.96
C ARG B 97 9.90 -5.52 4.75
N ASP B 98 9.28 -5.02 5.81
CA ASP B 98 8.21 -4.01 5.67
C ASP B 98 8.72 -2.56 5.53
N MET B 99 10.03 -2.33 5.65
CA MET B 99 10.64 -1.00 5.45
C MET B 99 11.26 -0.87 4.07
N PHE B 100 11.24 0.35 3.53
CA PHE B 100 11.59 0.62 2.13
C PHE B 100 12.58 1.79 1.93
N THR B 101 13.69 1.54 1.21
CA THR B 101 14.49 2.62 0.61
C THR B 101 13.97 2.92 -0.78
N LEU B 102 14.45 4.02 -1.36
CA LEU B 102 14.11 4.39 -2.73
C LEU B 102 14.49 3.29 -3.73
N GLU B 103 15.60 2.59 -3.46
CA GLU B 103 16.10 1.53 -4.32
C GLU B 103 15.29 0.23 -4.19
N ASP B 104 14.44 0.15 -3.17
CA ASP B 104 13.45 -0.90 -3.05
C ASP B 104 12.16 -0.61 -3.82
N THR B 105 12.00 0.61 -4.35
CA THR B 105 10.87 0.93 -5.23
C THR B 105 11.23 0.57 -6.65
N LEU B 106 10.24 0.47 -7.53
CA LEU B 106 10.51 0.15 -8.92
C LEU B 106 11.49 1.11 -9.53
N LEU B 107 11.13 2.39 -9.58
CA LEU B 107 11.92 3.35 -10.34
C LEU B 107 13.36 3.40 -9.83
N GLY B 108 13.54 3.35 -8.51
CA GLY B 108 14.88 3.33 -7.91
C GLY B 108 15.70 2.08 -8.22
N TYR B 109 15.05 0.92 -8.19
CA TYR B 109 15.69 -0.36 -8.53
C TYR B 109 16.24 -0.40 -9.95
N LEU B 110 15.48 0.16 -10.89
CA LEU B 110 15.87 0.23 -12.29
C LEU B 110 17.14 1.02 -12.56
N ALA B 111 17.23 2.22 -11.99
CA ALA B 111 18.29 3.18 -12.29
C ALA B 111 19.53 3.05 -11.39
N ASP B 112 19.42 2.33 -10.27
CA ASP B 112 20.53 2.18 -9.31
C ASP B 112 21.89 1.86 -9.95
N ASP B 113 22.86 2.74 -9.74
CA ASP B 113 24.25 2.56 -10.19
C ASP B 113 24.46 2.53 -11.70
N LEU B 114 23.60 3.19 -12.46
CA LEU B 114 23.73 3.27 -13.91
C LEU B 114 23.92 4.70 -14.37
N THR B 115 24.51 4.87 -15.56
CA THR B 115 24.73 6.17 -16.18
C THR B 115 24.11 6.15 -17.56
N TRP B 116 23.57 7.27 -18.03
CA TRP B 116 22.99 7.32 -19.39
C TRP B 116 22.86 8.72 -19.93
N CYS B 117 22.96 8.86 -21.24
CA CYS B 117 22.60 10.11 -21.90
C CYS B 117 22.45 9.88 -23.39
N GLY B 118 21.90 10.88 -24.07
CA GLY B 118 21.74 10.88 -25.53
C GLY B 118 22.25 12.19 -26.09
N GLU B 119 21.68 12.60 -27.22
CA GLU B 119 22.15 13.76 -27.97
C GLU B 119 21.04 14.34 -28.81
N PHE B 120 21.05 15.67 -28.97
CA PHE B 120 20.02 16.35 -29.75
C PHE B 120 19.84 15.80 -31.18
N ALA B 121 18.58 15.54 -31.53
CA ALA B 121 18.17 15.15 -32.88
C ALA B 121 18.71 13.82 -33.41
N THR B 122 19.28 12.97 -32.54
CA THR B 122 19.66 11.62 -32.90
C THR B 122 18.81 10.66 -32.08
N SER B 123 18.66 9.43 -32.56
CA SER B 123 18.06 8.37 -31.78
C SER B 123 19.10 7.52 -31.04
N LYS B 124 20.34 7.98 -30.96
CA LYS B 124 21.44 7.15 -30.45
C LYS B 124 21.76 7.44 -28.99
N ILE B 125 21.96 6.36 -28.23
CA ILE B 125 22.55 6.43 -26.91
C ILE B 125 24.04 6.71 -27.04
N ASN B 126 24.54 7.64 -26.23
CA ASN B 126 25.94 7.99 -26.16
C ASN B 126 26.71 7.10 -25.16
N TYR B 127 27.37 6.08 -25.68
CA TYR B 127 28.22 5.20 -24.90
C TYR B 127 29.64 5.71 -24.64
N GLN B 128 30.04 6.85 -25.25
CA GLN B 128 31.41 7.35 -25.16
C GLN B 128 31.65 8.21 -23.92
N SER B 129 30.75 9.17 -23.68
CA SER B 129 30.85 10.05 -22.51
C SER B 129 29.50 10.68 -22.16
N CYS B 130 29.32 11.03 -20.89
CA CYS B 130 28.15 11.78 -20.43
C CYS B 130 28.54 12.98 -19.55
N PRO B 131 27.69 14.01 -19.47
CA PRO B 131 28.01 15.19 -18.65
C PRO B 131 28.31 14.86 -17.19
N ASP B 132 29.44 15.35 -16.70
CA ASP B 132 29.74 15.39 -15.27
C ASP B 132 29.03 16.60 -14.67
N TRP B 133 28.41 16.40 -13.51
CA TRP B 133 27.63 17.46 -12.85
C TRP B 133 28.41 18.74 -12.58
N ARG B 134 29.69 18.57 -12.23
CA ARG B 134 30.60 19.65 -11.84
C ARG B 134 31.25 20.28 -13.06
N LYS B 135 31.96 19.45 -13.83
CA LYS B 135 32.77 19.94 -14.94
C LYS B 135 31.97 20.33 -16.19
N ASP B 136 30.73 19.88 -16.33
CA ASP B 136 29.93 20.15 -17.54
C ASP B 136 28.63 20.91 -17.26
N CYS B 137 27.64 20.23 -16.67
CA CYS B 137 26.31 20.84 -16.44
C CYS B 137 25.51 20.01 -15.46
N SER B 138 24.64 20.69 -14.72
CA SER B 138 23.86 20.04 -13.66
C SER B 138 22.54 19.40 -14.14
N ASN B 139 21.94 19.92 -15.21
CA ASN B 139 20.72 19.36 -15.78
C ASN B 139 20.95 18.22 -16.80
N ASN B 140 21.65 17.20 -16.31
CA ASN B 140 21.99 16.02 -17.10
C ASN B 140 20.99 14.91 -16.76
N PRO B 141 20.79 13.95 -17.67
CA PRO B 141 19.73 12.93 -17.47
C PRO B 141 19.78 12.17 -16.15
N VAL B 142 20.97 11.78 -15.69
CA VAL B 142 21.12 11.09 -14.42
C VAL B 142 20.74 11.98 -13.23
N SER B 143 21.39 13.12 -13.08
CA SER B 143 21.10 14.04 -11.95
CA SER B 143 21.10 14.04 -11.95
C SER B 143 19.64 14.45 -11.86
N VAL B 144 19.04 14.84 -13.00
CA VAL B 144 17.63 15.28 -13.06
C VAL B 144 16.69 14.13 -12.71
N PHE B 145 17.03 12.90 -13.09
CA PHE B 145 16.23 11.76 -12.74
C PHE B 145 16.20 11.63 -11.23
N TRP B 146 17.38 11.56 -10.61
CA TRP B 146 17.45 11.34 -9.16
C TRP B 146 16.84 12.43 -8.30
N LYS B 147 16.95 13.70 -8.71
CA LYS B 147 16.36 14.78 -7.92
C LYS B 147 14.83 14.72 -8.03
N THR B 148 14.33 14.31 -9.19
CA THR B 148 12.91 14.20 -9.42
C THR B 148 12.31 13.05 -8.60
N VAL B 149 12.90 11.86 -8.66
CA VAL B 149 12.36 10.71 -7.94
C VAL B 149 12.60 10.82 -6.45
N SER B 150 13.72 11.41 -6.05
CA SER B 150 14.00 11.59 -4.61
C SER B 150 13.04 12.59 -3.96
N ARG B 151 12.69 13.67 -4.67
CA ARG B 151 11.69 14.63 -4.20
C ARG B 151 10.35 13.94 -3.94
N ARG B 152 9.87 13.18 -4.93
CA ARG B 152 8.57 12.52 -4.88
C ARG B 152 8.47 11.43 -3.81
N PHE B 153 9.56 10.72 -3.57
CA PHE B 153 9.64 9.73 -2.49
C PHE B 153 9.54 10.44 -1.15
N ALA B 154 10.27 11.54 -0.98
CA ALA B 154 10.19 12.35 0.24
C ALA B 154 8.79 12.96 0.44
N GLU B 155 8.23 13.55 -0.63
CA GLU B 155 6.87 14.10 -0.60
C GLU B 155 5.78 13.13 -0.12
N ALA B 156 5.98 11.83 -0.38
CA ALA B 156 5.01 10.79 -0.06
C ALA B 156 5.12 10.27 1.36
N ALA B 157 6.27 10.48 2.01
CA ALA B 157 6.49 10.01 3.38
C ALA B 157 5.55 10.67 4.37
N CYS B 158 5.29 9.99 5.48
CA CYS B 158 4.38 10.47 6.52
C CYS B 158 4.78 9.94 7.91
N ASP B 159 4.15 10.52 8.93
CA ASP B 159 4.38 10.18 10.33
C ASP B 159 5.85 10.33 10.80
N VAL B 160 6.57 9.21 10.99
CA VAL B 160 7.98 9.20 11.38
C VAL B 160 8.85 8.69 10.18
N VAL B 161 9.76 9.53 9.71
CA VAL B 161 10.72 9.18 8.67
C VAL B 161 12.05 8.89 9.35
N HIS B 162 12.68 7.78 8.99
CA HIS B 162 14.01 7.47 9.54
C HIS B 162 15.09 7.81 8.52
N VAL B 163 16.23 8.30 8.99
CA VAL B 163 17.38 8.46 8.09
C VAL B 163 18.60 7.81 8.71
N MET B 164 19.30 7.03 7.89
CA MET B 164 20.47 6.31 8.33
C MET B 164 21.67 7.15 7.89
N LEU B 165 22.59 7.43 8.82
CA LEU B 165 23.76 8.26 8.52
C LEU B 165 25.03 7.55 8.94
N ASP B 166 26.11 7.87 8.21
CA ASP B 166 27.41 7.27 8.44
C ASP B 166 28.23 8.07 9.47
N GLY B 167 28.37 7.49 10.67
CA GLY B 167 29.13 8.10 11.76
C GLY B 167 30.65 8.11 11.65
N SER B 168 31.22 7.31 10.74
CA SER B 168 32.67 7.31 10.53
C SER B 168 33.19 8.49 9.66
N ARG B 169 32.28 9.21 8.99
CA ARG B 169 32.70 10.27 8.04
C ARG B 169 33.02 11.59 8.72
N SER B 170 33.75 12.43 8.00
CA SER B 170 34.13 13.76 8.50
C SER B 170 32.89 14.63 8.70
N LYS B 171 31.97 14.61 7.72
CA LYS B 171 30.70 15.34 7.80
C LYS B 171 29.56 14.31 7.85
N ILE B 172 29.08 14.00 9.06
CA ILE B 172 28.09 12.93 9.27
C ILE B 172 26.79 13.27 8.56
N PHE B 173 26.34 14.50 8.74
CA PHE B 173 25.35 15.09 7.85
C PHE B 173 26.08 16.04 6.93
N ASP B 174 25.75 15.98 5.64
CA ASP B 174 26.39 16.78 4.62
C ASP B 174 25.32 17.46 3.78
N LYS B 175 25.36 18.78 3.79
CA LYS B 175 24.38 19.60 3.07
C LYS B 175 24.38 19.25 1.58
N ASP B 176 25.56 19.02 1.01
CA ASP B 176 25.70 18.74 -0.42
C ASP B 176 25.53 17.25 -0.63
N SER B 177 24.28 16.85 -0.55
CA SER B 177 23.86 15.47 -0.76
C SER B 177 22.40 15.53 -1.15
N THR B 178 21.96 14.45 -1.78
CA THR B 178 20.55 14.28 -2.10
C THR B 178 19.68 14.37 -0.83
N PHE B 179 20.09 13.71 0.25
CA PHE B 179 19.40 13.86 1.52
C PHE B 179 19.38 15.32 1.95
N GLY B 180 20.58 15.89 2.06
CA GLY B 180 20.79 17.21 2.61
C GLY B 180 20.23 18.36 1.79
N SER B 181 20.17 18.22 0.47
CA SER B 181 19.69 19.28 -0.45
C SER B 181 18.41 18.99 -1.25
N VAL B 182 17.84 17.77 -1.17
CA VAL B 182 16.52 17.52 -1.76
C VAL B 182 15.50 16.98 -0.75
N GLU B 183 15.85 15.91 -0.03
CA GLU B 183 14.88 15.16 0.75
C GLU B 183 14.45 15.88 2.02
N VAL B 184 15.38 16.38 2.83
CA VAL B 184 14.97 17.16 4.03
C VAL B 184 14.04 18.32 3.74
N HIS B 185 14.16 18.93 2.56
CA HIS B 185 13.35 20.11 2.20
C HIS B 185 12.02 19.81 1.53
N ASN B 186 11.77 18.55 1.22
CA ASN B 186 10.52 18.17 0.59
C ASN B 186 9.65 17.19 1.36
N LEU B 187 10.12 16.72 2.53
CA LEU B 187 9.24 16.12 3.53
C LEU B 187 8.14 17.13 3.83
N GLN B 188 6.89 16.70 3.87
CA GLN B 188 5.75 17.63 4.09
C GLN B 188 5.43 17.78 5.60
N PRO B 189 5.46 19.02 6.15
CA PRO B 189 5.12 19.18 7.57
C PRO B 189 3.69 18.77 7.94
N GLU B 190 2.75 18.88 6.99
CA GLU B 190 1.39 18.40 7.25
C GLU B 190 1.40 16.87 7.52
N LYS B 191 2.20 16.13 6.74
CA LYS B 191 2.20 14.67 6.78
C LYS B 191 3.19 14.08 7.77
N VAL B 192 4.36 14.71 7.89
CA VAL B 192 5.45 14.21 8.70
C VAL B 192 5.50 14.97 10.01
N GLN B 193 5.64 14.23 11.09
CA GLN B 193 5.74 14.78 12.44
C GLN B 193 7.21 14.80 12.88
N THR B 194 7.94 13.71 12.63
CA THR B 194 9.30 13.50 13.18
C THR B 194 10.25 12.92 12.12
N LEU B 195 11.49 13.41 12.09
CA LEU B 195 12.59 12.80 11.32
C LEU B 195 13.55 12.23 12.35
N GLU B 196 13.73 10.91 12.35
CA GLU B 196 14.59 10.25 13.31
C GLU B 196 15.89 9.83 12.63
N ALA B 197 17.02 10.32 13.13
CA ALA B 197 18.31 9.96 12.58
C ALA B 197 18.91 8.77 13.30
N TRP B 198 19.47 7.83 12.52
CA TRP B 198 20.21 6.68 13.04
C TRP B 198 21.67 6.78 12.62
N VAL B 199 22.53 7.13 13.57
CA VAL B 199 23.95 7.32 13.29
C VAL B 199 24.69 6.04 13.58
N ILE B 200 25.27 5.48 12.52
CA ILE B 200 25.93 4.18 12.56
C ILE B 200 27.41 4.42 12.85
N HIS B 201 27.93 3.75 13.87
CA HIS B 201 29.31 3.95 14.33
C HIS B 201 30.29 3.05 13.56
N GLY B 202 31.53 3.52 13.36
CA GLY B 202 32.57 2.77 12.63
C GLY B 202 33.37 1.83 13.51
N ASP B 206 36.11 5.94 19.35
CA ASP B 206 35.54 5.88 20.69
C ASP B 206 34.04 5.66 20.66
N SER B 207 33.51 5.03 21.72
CA SER B 207 32.07 4.95 21.94
C SER B 207 31.65 6.22 22.71
N ARG B 208 31.35 7.28 21.94
CA ARG B 208 30.91 8.58 22.48
C ARG B 208 29.70 9.12 21.69
N ASP B 209 29.00 10.08 22.27
CA ASP B 209 27.70 10.51 21.72
C ASP B 209 27.86 11.38 20.47
N LEU B 210 27.42 10.84 19.34
CA LEU B 210 27.53 11.50 18.04
C LEU B 210 26.31 12.32 17.66
N CYS B 211 25.21 12.15 18.37
CA CYS B 211 24.07 13.08 18.23
C CYS B 211 24.37 14.51 18.74
N GLN B 212 25.47 14.68 19.49
CA GLN B 212 26.03 16.01 19.81
C GLN B 212 26.99 16.57 18.72
N ASP B 213 27.19 15.86 17.61
CA ASP B 213 28.12 16.33 16.57
C ASP B 213 27.59 17.62 15.92
N PRO B 214 28.49 18.56 15.55
CA PRO B 214 28.07 19.82 14.93
C PRO B 214 27.21 19.70 13.67
N THR B 215 27.45 18.68 12.85
CA THR B 215 26.63 18.50 11.64
C THR B 215 25.23 18.00 11.99
N ILE B 216 25.12 17.16 13.03
CA ILE B 216 23.81 16.73 13.55
C ILE B 216 23.03 17.92 14.08
N LYS B 217 23.71 18.82 14.81
CA LYS B 217 23.06 20.04 15.32
C LYS B 217 22.55 20.95 14.19
N GLU B 218 23.33 21.05 13.12
CA GLU B 218 22.95 21.76 11.89
C GLU B 218 21.69 21.17 11.27
N LEU B 219 21.66 19.84 11.22
CA LEU B 219 20.51 19.09 10.70
C LEU B 219 19.26 19.37 11.50
N GLU B 220 19.37 19.20 12.82
CA GLU B 220 18.31 19.53 13.77
C GLU B 220 17.73 20.93 13.54
N SER B 221 18.60 21.89 13.27
CA SER B 221 18.20 23.28 13.03
C SER B 221 17.46 23.45 11.71
N ILE B 222 17.98 22.82 10.67
CA ILE B 222 17.39 22.89 9.34
C ILE B 222 15.94 22.37 9.37
N ILE B 223 15.72 21.24 10.03
CA ILE B 223 14.38 20.61 10.05
C ILE B 223 13.39 21.23 11.07
N SER B 224 13.91 21.74 12.18
CA SER B 224 13.11 22.55 13.12
C SER B 224 12.50 23.76 12.45
N LYS B 225 13.29 24.45 11.62
CA LYS B 225 12.79 25.60 10.83
C LYS B 225 11.62 25.21 9.92
N ARG B 226 11.59 23.96 9.46
CA ARG B 226 10.50 23.48 8.62
C ARG B 226 9.27 23.01 9.42
N ASN B 227 9.34 23.12 10.75
CA ASN B 227 8.24 22.81 11.66
C ASN B 227 8.01 21.33 11.70
N ILE B 228 9.11 20.59 11.89
CA ILE B 228 9.12 19.14 12.04
C ILE B 228 10.12 18.79 13.14
N GLN B 229 9.72 17.89 14.03
CA GLN B 229 10.56 17.49 15.16
C GLN B 229 11.75 16.65 14.70
N PHE B 230 12.80 16.66 15.49
CA PHE B 230 14.01 15.88 15.24
C PHE B 230 14.30 14.97 16.40
N SER B 231 14.68 13.73 16.09
CA SER B 231 15.13 12.77 17.09
C SER B 231 16.41 12.12 16.54
N CYS B 232 17.25 11.59 17.42
CA CYS B 232 18.53 10.99 17.03
C CYS B 232 18.95 9.83 17.94
N LYS B 233 19.38 8.72 17.34
CA LYS B 233 19.90 7.56 18.08
C LYS B 233 21.31 7.19 17.63
N ASN B 234 22.15 6.80 18.59
CA ASN B 234 23.44 6.17 18.30
C ASN B 234 23.23 4.67 18.07
N ILE B 235 23.77 4.13 16.98
CA ILE B 235 23.88 2.69 16.81
C ILE B 235 25.35 2.34 16.95
N TYR B 236 25.72 1.94 18.17
CA TYR B 236 27.12 1.74 18.55
C TYR B 236 27.72 0.50 17.91
N ARG B 237 26.95 -0.58 17.88
CA ARG B 237 27.44 -1.89 17.42
C ARG B 237 26.61 -2.37 16.23
N PRO B 238 27.04 -2.05 14.99
CA PRO B 238 26.32 -2.50 13.78
C PRO B 238 26.25 -4.01 13.61
N ASP B 239 27.34 -4.71 13.95
CA ASP B 239 27.38 -6.19 14.01
C ASP B 239 26.15 -6.78 14.70
N LYS B 240 25.89 -6.31 15.91
CA LYS B 240 24.84 -6.85 16.79
C LYS B 240 23.47 -6.18 16.60
N PHE B 241 23.45 -5.07 15.86
CA PHE B 241 22.21 -4.39 15.45
C PHE B 241 21.43 -5.20 14.41
N LEU B 242 22.13 -5.78 13.44
CA LEU B 242 21.51 -6.73 12.51
C LEU B 242 21.07 -8.04 13.19
N GLN B 243 21.90 -8.55 14.10
CA GLN B 243 21.59 -9.80 14.83
C GLN B 243 20.26 -9.72 15.58
N CYS B 244 20.01 -8.59 16.26
CA CYS B 244 18.78 -8.39 17.04
C CYS B 244 17.60 -7.86 16.23
N VAL B 245 17.86 -7.33 15.03
CA VAL B 245 16.80 -7.02 14.06
C VAL B 245 16.28 -8.33 13.44
N LYS B 246 17.20 -9.19 12.99
CA LYS B 246 16.87 -10.50 12.37
C LYS B 246 16.35 -11.55 13.37
N ASN B 247 16.80 -11.48 14.61
CA ASN B 247 16.58 -12.56 15.60
C ASN B 247 16.50 -11.98 17.03
N PRO B 248 15.37 -11.29 17.36
CA PRO B 248 15.21 -10.77 18.75
C PRO B 248 15.01 -11.85 19.85
N GLU B 249 16.09 -12.12 20.58
CA GLU B 249 16.15 -13.21 21.58
C GLU B 249 17.37 -13.04 22.49
#